data_3V61
#
_entry.id   3V61
#
_cell.length_a   140.060
_cell.length_b   140.060
_cell.length_c   52.119
_cell.angle_alpha   90.000
_cell.angle_beta   90.000
_cell.angle_gamma   90.000
#
_symmetry.space_group_name_H-M   'I 41'
#
loop_
_entity.id
_entity.type
_entity.pdbx_description
1 polymer 'Ubiquitin-like protein SMT3'
2 polymer 'Proliferating cell nuclear antigen'
3 non-polymer 'BARIUM ION'
4 non-polymer N-ETHYLMALEIMIDE
5 water water
#
loop_
_entity_poly.entity_id
_entity_poly.type
_entity_poly.pdbx_seq_one_letter_code
_entity_poly.pdbx_strand_id
1 'polypeptide(L)'
;GSHMRPETHINLKVSDGSSEIFFKIKKTTPLRRLMEAFAKRQGKEMDSLRFLYDGIRIQADQTPEDLDMEDNDIIEAHRE
QIGG
;
A
2 'polypeptide(L)'
;MLEAKFEEASLFKRIIDGFKDCVQLVNFQCKEDGIIAQAVDDSRVLLVSLEIGVEAFQEYRCDHPVTLGMDLTSLSKILR
CGNNTDTLTLIADNTPDSIILLFEDTKKDRIAEYSLKLMDIDADFLGIEELQYDSTLSLPSSEFSKIVRDLSQLSDSINI
MITKETIKFVADGDIGSGSVIIKPFVDMEHPETSIKLEMDQPVDLTFGAKYLLDIIKGSSLSDRVGIRLSSEAPALFQFD
LKSGFLQFFLAPKFNDEE
;
B
#
loop_
_chem_comp.id
_chem_comp.type
_chem_comp.name
_chem_comp.formula
BA non-polymer 'BARIUM ION' 'Ba 2'
NEQ non-polymer N-ETHYLMALEIMIDE 'C6 H7 N O2'
#
# COMPACT_ATOMS: atom_id res chain seq x y z
N THR A 8 15.20 3.94 39.45
CA THR A 8 15.44 4.94 38.35
C THR A 8 16.81 4.84 37.65
N HIS A 9 17.77 4.15 38.24
CA HIS A 9 19.07 3.91 37.58
C HIS A 9 19.46 2.44 37.54
N ILE A 10 19.05 1.73 36.50
CA ILE A 10 19.47 0.35 36.34
C ILE A 10 20.94 0.18 35.92
N ASN A 11 21.47 -0.99 36.22
CA ASN A 11 22.85 -1.31 35.97
C ASN A 11 22.93 -2.39 34.92
N LEU A 12 23.54 -2.07 33.78
CA LEU A 12 23.61 -2.98 32.64
C LEU A 12 25.00 -3.54 32.45
N LYS A 13 25.08 -4.81 32.05
CA LYS A 13 26.39 -5.41 31.72
C LYS A 13 26.47 -5.65 30.22
N VAL A 14 27.45 -5.02 29.57
CA VAL A 14 27.65 -5.16 28.11
C VAL A 14 28.86 -6.05 27.87
N SER A 15 28.76 -6.93 26.88
CA SER A 15 29.80 -7.91 26.62
C SER A 15 29.73 -8.50 25.23
N ASP A 16 30.91 -8.81 24.68
CA ASP A 16 30.99 -9.67 23.49
C ASP A 16 31.44 -11.06 23.93
N GLY A 17 32.49 -11.60 23.30
CA GLY A 17 33.02 -12.90 23.71
C GLY A 17 34.07 -12.81 24.81
N SER A 18 34.88 -11.76 24.78
CA SER A 18 36.07 -11.66 25.63
C SER A 18 36.08 -10.50 26.64
N SER A 19 35.07 -9.64 26.59
CA SER A 19 35.12 -8.42 27.41
C SER A 19 33.76 -7.99 27.96
N GLU A 20 33.62 -8.01 29.29
CA GLU A 20 32.42 -7.56 29.97
C GLU A 20 32.63 -6.25 30.74
N ILE A 21 31.73 -5.29 30.55
CA ILE A 21 31.78 -3.98 31.23
C ILE A 21 30.45 -3.75 31.92
N PHE A 22 30.47 -2.91 32.96
CA PHE A 22 29.25 -2.46 33.63
C PHE A 22 29.07 -0.95 33.42
N PHE A 23 27.92 -0.58 32.88
CA PHE A 23 27.51 0.81 32.77
C PHE A 23 26.34 1.05 33.70
N LYS A 24 26.30 2.22 34.33
CA LYS A 24 25.21 2.56 35.23
C LYS A 24 24.34 3.70 34.66
N ILE A 25 23.35 3.38 33.84
CA ILE A 25 22.56 4.44 33.19
C ILE A 25 21.14 4.60 33.70
N LYS A 26 20.61 5.81 33.51
CA LYS A 26 19.27 6.15 33.93
C LYS A 26 18.25 5.58 32.96
N LYS A 27 17.14 5.07 33.51
CA LYS A 27 16.09 4.41 32.75
C LYS A 27 15.53 5.20 31.57
N THR A 28 15.79 6.50 31.55
CA THR A 28 15.28 7.43 30.53
C THR A 28 16.35 7.91 29.55
N THR A 29 17.60 7.60 29.83
CA THR A 29 18.72 7.93 28.94
C THR A 29 18.65 7.01 27.73
N PRO A 30 18.75 7.58 26.51
CA PRO A 30 18.72 6.66 25.36
C PRO A 30 20.00 5.82 25.32
N LEU A 31 19.88 4.60 24.79
CA LEU A 31 20.98 3.63 24.86
C LEU A 31 22.21 3.96 23.99
N ARG A 32 22.07 4.95 23.10
CA ARG A 32 23.15 5.49 22.29
C ARG A 32 24.43 5.76 23.10
N ARG A 33 24.26 6.45 24.22
CA ARG A 33 25.35 6.84 25.10
C ARG A 33 26.21 5.64 25.49
N LEU A 34 25.54 4.55 25.87
CA LEU A 34 26.18 3.31 26.30
C LEU A 34 26.85 2.52 25.15
N MET A 35 26.20 2.47 23.99
CA MET A 35 26.77 1.78 22.84
C MET A 35 28.02 2.52 22.36
N GLU A 36 27.97 3.84 22.36
CA GLU A 36 29.14 4.66 22.06
C GLU A 36 30.27 4.31 23.01
N ALA A 37 29.96 4.35 24.31
CA ALA A 37 30.93 4.11 25.37
C ALA A 37 31.59 2.73 25.34
N PHE A 38 30.84 1.70 24.94
CA PHE A 38 31.40 0.35 24.84
C PHE A 38 32.27 0.20 23.59
N ALA A 39 31.83 0.83 22.49
CA ALA A 39 32.56 0.81 21.22
C ALA A 39 33.85 1.63 21.27
N LYS A 40 33.85 2.71 22.05
CA LYS A 40 35.08 3.48 22.26
C LYS A 40 36.12 2.68 23.06
N ARG A 41 35.67 2.08 24.16
CA ARG A 41 36.54 1.29 25.03
C ARG A 41 37.12 0.04 24.35
N GLN A 42 36.73 -0.20 23.10
CA GLN A 42 37.27 -1.28 22.28
C GLN A 42 38.02 -0.73 21.05
N GLY A 43 38.22 0.58 21.03
CA GLY A 43 38.72 1.26 19.83
C GLY A 43 38.02 0.72 18.60
N LYS A 44 36.69 0.77 18.60
CA LYS A 44 35.85 0.37 17.47
C LYS A 44 34.80 1.43 17.20
N GLU A 45 34.24 1.43 16.00
CA GLU A 45 33.16 2.36 15.68
C GLU A 45 31.79 1.73 15.92
N MET A 46 30.83 2.55 16.34
CA MET A 46 29.52 2.07 16.77
C MET A 46 28.71 1.36 15.67
N ASP A 47 28.93 1.74 14.41
CA ASP A 47 28.26 1.12 13.25
C ASP A 47 28.73 -0.31 12.99
N SER A 48 29.98 -0.59 13.36
CA SER A 48 30.59 -1.91 13.15
C SER A 48 30.17 -2.96 14.18
N LEU A 49 29.58 -2.51 15.30
CA LEU A 49 29.08 -3.40 16.35
C LEU A 49 27.56 -3.51 16.30
N ARG A 50 27.05 -4.70 16.60
CA ARG A 50 25.60 -4.97 16.62
C ARG A 50 25.14 -5.35 18.03
N PHE A 51 24.46 -4.43 18.70
CA PHE A 51 24.04 -4.67 20.07
C PHE A 51 22.67 -5.38 20.17
N LEU A 52 22.66 -6.47 20.94
CA LEU A 52 21.47 -7.30 21.12
C LEU A 52 21.06 -7.40 22.59
N TYR A 53 19.77 -7.19 22.84
CA TYR A 53 19.26 -7.43 24.17
C TYR A 53 18.26 -8.58 24.13
N ASP A 54 18.55 -9.61 24.92
CA ASP A 54 17.63 -10.72 25.14
C ASP A 54 17.01 -11.18 23.80
N GLY A 55 17.86 -11.36 22.79
CA GLY A 55 17.43 -11.72 21.44
C GLY A 55 17.43 -10.57 20.43
N ILE A 56 16.59 -9.58 20.67
CA ILE A 56 16.35 -8.50 19.71
C ILE A 56 17.51 -7.49 19.65
N ARG A 57 17.72 -6.91 18.46
CA ARG A 57 18.74 -5.91 18.23
C ARG A 57 18.28 -4.57 18.75
N ILE A 58 19.04 -4.02 19.69
CA ILE A 58 18.78 -2.70 20.22
C ILE A 58 18.92 -1.65 19.12
N GLN A 59 18.00 -0.69 19.13
CA GLN A 59 18.13 0.53 18.34
C GLN A 59 18.68 1.64 19.23
N ALA A 60 19.61 2.42 18.69
CA ALA A 60 20.32 3.46 19.45
C ALA A 60 19.40 4.47 20.17
N ASP A 61 18.24 4.72 19.58
CA ASP A 61 17.32 5.73 20.11
C ASP A 61 16.51 5.22 21.29
N GLN A 62 16.36 3.90 21.40
CA GLN A 62 15.61 3.26 22.48
C GLN A 62 16.28 3.42 23.85
N THR A 63 15.47 3.44 24.90
CA THR A 63 15.92 3.65 26.29
C THR A 63 15.70 2.37 27.08
N PRO A 64 16.43 2.18 28.18
CA PRO A 64 16.19 0.99 29.01
C PRO A 64 14.71 0.85 29.40
N GLU A 65 14.10 1.97 29.79
CA GLU A 65 12.67 2.04 30.08
C GLU A 65 11.85 1.33 29.00
N ASP A 66 11.98 1.77 27.75
CA ASP A 66 11.30 1.13 26.60
C ASP A 66 11.43 -0.38 26.59
N LEU A 67 12.62 -0.90 26.87
CA LEU A 67 12.87 -2.33 26.74
C LEU A 67 12.60 -3.13 28.03
N ASP A 68 12.21 -2.39 29.08
CA ASP A 68 12.05 -2.92 30.43
C ASP A 68 13.34 -3.63 30.88
N MET A 69 14.45 -2.92 30.88
CA MET A 69 15.69 -3.53 31.37
C MET A 69 15.78 -3.46 32.89
N GLU A 70 15.77 -4.62 33.52
CA GLU A 70 15.98 -4.71 34.96
C GLU A 70 17.48 -4.61 35.23
N ASP A 71 17.84 -4.42 36.50
CA ASP A 71 19.21 -4.48 36.94
C ASP A 71 19.92 -5.75 36.47
N ASN A 72 21.19 -5.59 36.12
CA ASN A 72 22.06 -6.71 35.73
C ASN A 72 21.79 -7.40 34.40
N ASP A 73 20.80 -6.93 33.64
CA ASP A 73 20.57 -7.42 32.29
C ASP A 73 21.84 -7.32 31.45
N ILE A 74 21.92 -8.21 30.46
CA ILE A 74 23.10 -8.36 29.63
C ILE A 74 22.80 -7.95 28.20
N ILE A 75 23.64 -7.07 27.67
CA ILE A 75 23.60 -6.70 26.26
C ILE A 75 24.77 -7.40 25.59
N GLU A 76 24.44 -8.28 24.65
CA GLU A 76 25.43 -8.92 23.79
C GLU A 76 25.90 -7.93 22.74
N ALA A 77 27.20 -7.85 22.55
CA ALA A 77 27.73 -7.12 21.40
C ALA A 77 28.30 -8.14 20.43
N HIS A 78 27.90 -8.04 19.17
CA HIS A 78 28.47 -8.90 18.13
C HIS A 78 29.02 -8.01 17.02
N ARG A 79 29.93 -8.56 16.22
CA ARG A 79 30.41 -7.84 15.05
C ARG A 79 29.28 -7.72 14.01
N GLU A 80 29.30 -6.60 13.28
CA GLU A 80 28.39 -6.38 12.18
C GLU A 80 29.03 -6.92 10.90
N GLN A 81 28.41 -7.93 10.29
CA GLN A 81 28.87 -8.39 8.97
C GLN A 81 28.60 -7.31 7.92
N ILE A 82 29.39 -7.27 6.86
CA ILE A 82 29.25 -6.23 5.84
C ILE A 82 28.16 -6.55 4.79
N GLY A 83 27.97 -7.82 4.49
CA GLY A 83 26.81 -8.26 3.74
C GLY A 83 26.08 -9.21 4.65
N GLY A 84 24.75 -9.10 4.73
CA GLY A 84 23.98 -8.04 4.06
C GLY A 84 22.98 -7.46 5.02
N MET B 1 -31.96 -6.39 0.97
CA MET B 1 -32.06 -4.93 0.87
C MET B 1 -30.71 -4.23 0.99
N LEU B 2 -30.30 -3.61 -0.10
CA LEU B 2 -29.09 -2.80 -0.15
C LEU B 2 -29.46 -1.34 -0.38
N GLU B 3 -28.96 -0.47 0.48
CA GLU B 3 -29.12 0.96 0.33
C GLU B 3 -27.82 1.70 0.60
N ALA B 4 -27.01 1.85 -0.44
CA ALA B 4 -25.74 2.60 -0.36
C ALA B 4 -25.94 4.04 -0.81
N LYS B 5 -25.82 4.96 0.13
CA LYS B 5 -26.13 6.36 -0.10
C LYS B 5 -24.92 7.26 0.10
N PHE B 6 -24.39 7.80 -1.00
CA PHE B 6 -23.31 8.78 -0.95
C PHE B 6 -23.89 10.16 -0.72
N GLU B 7 -23.18 10.99 0.04
CA GLU B 7 -23.56 12.39 0.22
C GLU B 7 -23.65 13.12 -1.11
N GLU B 8 -22.64 12.92 -1.96
CA GLU B 8 -22.62 13.55 -3.27
C GLU B 8 -22.33 12.54 -4.35
N ALA B 9 -23.01 12.67 -5.47
CA ALA B 9 -22.83 11.77 -6.61
C ALA B 9 -21.47 11.90 -7.26
N SER B 10 -20.79 13.04 -7.00
CA SER B 10 -19.44 13.27 -7.49
C SER B 10 -18.41 12.28 -6.92
N LEU B 11 -18.60 11.85 -5.66
CA LEU B 11 -17.76 10.83 -5.05
C LEU B 11 -17.89 9.49 -5.78
N PHE B 12 -19.10 9.10 -6.12
CA PHE B 12 -19.29 7.89 -6.87
C PHE B 12 -18.79 8.08 -8.29
N LYS B 13 -19.05 9.24 -8.88
CA LYS B 13 -18.58 9.51 -10.22
C LYS B 13 -17.06 9.42 -10.27
N ARG B 14 -16.38 9.90 -9.23
CA ARG B 14 -14.91 9.87 -9.18
C ARG B 14 -14.37 8.45 -9.21
N ILE B 15 -15.04 7.53 -8.51
CA ILE B 15 -14.65 6.13 -8.49
C ILE B 15 -14.84 5.52 -9.88
N ILE B 16 -16.04 5.69 -10.42
CA ILE B 16 -16.41 5.18 -11.75
C ILE B 16 -15.49 5.73 -12.84
N ASP B 17 -15.09 6.98 -12.66
CA ASP B 17 -14.17 7.63 -13.58
C ASP B 17 -12.78 7.00 -13.53
N GLY B 18 -12.34 6.66 -12.32
CA GLY B 18 -11.03 6.05 -12.09
C GLY B 18 -10.91 4.69 -12.74
N PHE B 19 -11.85 3.80 -12.44
CA PHE B 19 -11.92 2.49 -13.05
C PHE B 19 -11.93 2.59 -14.56
N LYS B 20 -12.69 3.55 -15.07
CA LYS B 20 -12.85 3.78 -16.51
C LYS B 20 -11.51 3.87 -17.26
N ASP B 21 -10.46 4.24 -16.53
CA ASP B 21 -9.10 4.20 -17.07
C ASP B 21 -8.67 2.77 -17.43
N CYS B 22 -8.62 1.89 -16.43
CA CYS B 22 -8.10 0.54 -16.62
C CYS B 22 -9.13 -0.39 -17.26
N VAL B 23 -10.28 -0.52 -16.60
CA VAL B 23 -11.23 -1.57 -16.91
C VAL B 23 -12.47 -1.05 -17.65
N GLN B 24 -13.28 -1.98 -18.15
CA GLN B 24 -14.56 -1.65 -18.77
C GLN B 24 -15.72 -2.26 -18.01
N LEU B 25 -15.44 -3.30 -17.24
CA LEU B 25 -16.45 -3.92 -16.38
C LEU B 25 -16.03 -3.90 -14.92
N VAL B 26 -16.99 -3.76 -14.02
CA VAL B 26 -16.69 -3.75 -12.60
C VAL B 26 -17.71 -4.57 -11.84
N ASN B 27 -17.25 -5.26 -10.80
CA ASN B 27 -18.06 -6.19 -10.04
C ASN B 27 -18.11 -5.78 -8.57
N PHE B 28 -19.24 -5.24 -8.15
CA PHE B 28 -19.37 -4.62 -6.81
C PHE B 28 -19.80 -5.61 -5.72
N GLN B 29 -18.82 -6.15 -5.02
CA GLN B 29 -19.08 -7.05 -3.90
C GLN B 29 -19.56 -6.25 -2.67
N CYS B 30 -20.88 -6.22 -2.46
CA CYS B 30 -21.47 -5.45 -1.39
C CYS B 30 -21.65 -6.31 -0.16
N LYS B 31 -21.14 -5.85 0.97
CA LYS B 31 -21.14 -6.63 2.20
C LYS B 31 -21.60 -5.73 3.30
N GLU B 32 -21.95 -6.33 4.43
CA GLU B 32 -22.36 -5.61 5.63
C GLU B 32 -21.52 -4.37 5.98
N ASP B 33 -20.21 -4.43 5.80
CA ASP B 33 -19.33 -3.34 6.22
C ASP B 33 -18.70 -2.52 5.08
N GLY B 34 -19.30 -2.57 3.90
CA GLY B 34 -18.79 -1.82 2.76
C GLY B 34 -18.88 -2.56 1.43
N ILE B 35 -18.41 -1.90 0.38
CA ILE B 35 -18.40 -2.45 -0.98
C ILE B 35 -16.97 -2.70 -1.43
N ILE B 36 -16.74 -3.81 -2.12
CA ILE B 36 -15.44 -4.11 -2.70
C ILE B 36 -15.54 -4.11 -4.22
N ALA B 37 -14.97 -3.07 -4.83
CA ALA B 37 -14.99 -2.93 -6.28
C ALA B 37 -13.91 -3.75 -7.00
N GLN B 38 -14.25 -4.96 -7.39
CA GLN B 38 -13.30 -5.83 -8.10
C GLN B 38 -13.32 -5.63 -9.62
N ALA B 39 -12.18 -5.68 -10.27
CA ALA B 39 -12.12 -5.50 -11.71
C ALA B 39 -10.88 -6.12 -12.31
N VAL B 40 -11.04 -6.65 -13.51
CA VAL B 40 -9.97 -7.24 -14.29
C VAL B 40 -9.90 -6.49 -15.59
N ASP B 41 -8.70 -6.12 -16.04
CA ASP B 41 -8.56 -5.42 -17.29
C ASP B 41 -8.86 -6.38 -18.45
N ASP B 42 -8.85 -5.87 -19.68
CA ASP B 42 -9.25 -6.63 -20.86
C ASP B 42 -8.25 -7.71 -21.29
N SER B 43 -7.00 -7.55 -20.89
CA SER B 43 -5.96 -8.54 -21.18
C SER B 43 -5.82 -9.58 -20.05
N ARG B 44 -6.65 -9.45 -19.02
CA ARG B 44 -6.54 -10.26 -17.79
C ARG B 44 -5.16 -10.20 -17.11
N VAL B 45 -4.41 -9.13 -17.37
CA VAL B 45 -3.08 -8.97 -16.77
C VAL B 45 -3.17 -8.18 -15.46
N LEU B 46 -3.86 -7.03 -15.50
CA LEU B 46 -3.98 -6.15 -14.33
C LEU B 46 -5.30 -6.32 -13.59
N LEU B 47 -5.23 -6.49 -12.27
CA LEU B 47 -6.40 -6.66 -11.44
C LEU B 47 -6.59 -5.49 -10.46
N VAL B 48 -7.78 -4.86 -10.49
CA VAL B 48 -8.08 -3.76 -9.57
C VAL B 48 -9.04 -4.19 -8.48
N SER B 49 -8.77 -3.78 -7.25
CA SER B 49 -9.61 -4.10 -6.11
C SER B 49 -9.70 -2.89 -5.19
N LEU B 50 -10.91 -2.34 -5.06
CA LEU B 50 -11.14 -1.10 -4.33
C LEU B 50 -12.11 -1.24 -3.15
N GLU B 51 -11.63 -1.01 -1.95
CA GLU B 51 -12.44 -1.14 -0.74
C GLU B 51 -13.06 0.19 -0.32
N ILE B 52 -14.38 0.26 -0.52
CA ILE B 52 -15.19 1.43 -0.17
C ILE B 52 -15.86 1.09 1.14
N GLY B 53 -15.38 1.69 2.22
CA GLY B 53 -15.81 1.31 3.56
C GLY B 53 -17.02 2.10 4.01
N VAL B 54 -17.83 1.48 4.88
CA VAL B 54 -19.03 2.11 5.46
C VAL B 54 -18.91 3.63 5.67
N GLU B 55 -17.75 4.09 6.15
CA GLU B 55 -17.59 5.51 6.43
C GLU B 55 -17.57 6.40 5.17
N ALA B 56 -17.32 5.80 4.00
CA ALA B 56 -17.37 6.54 2.74
C ALA B 56 -18.77 7.08 2.38
N PHE B 57 -19.81 6.49 2.97
CA PHE B 57 -21.22 6.79 2.65
C PHE B 57 -21.82 7.74 3.67
N GLN B 58 -23.02 8.25 3.42
CA GLN B 58 -23.79 8.93 4.48
C GLN B 58 -24.71 7.96 5.23
N GLU B 59 -25.16 6.92 4.53
CA GLU B 59 -26.00 5.86 5.10
C GLU B 59 -25.74 4.58 4.33
N TYR B 60 -25.61 3.48 5.04
CA TYR B 60 -25.29 2.22 4.39
C TYR B 60 -26.00 1.05 5.03
N ARG B 61 -26.87 0.41 4.26
CA ARG B 61 -27.53 -0.81 4.70
C ARG B 61 -27.23 -1.93 3.72
N CYS B 62 -26.85 -3.08 4.27
CA CYS B 62 -26.73 -4.31 3.50
C CYS B 62 -27.15 -5.46 4.39
N ASP B 63 -28.36 -5.96 4.23
CA ASP B 63 -28.87 -7.06 5.08
C ASP B 63 -28.33 -8.42 4.64
N HIS B 64 -27.83 -8.48 3.42
CA HIS B 64 -27.33 -9.72 2.85
C HIS B 64 -26.38 -9.36 1.72
N PRO B 65 -25.24 -10.08 1.63
CA PRO B 65 -24.26 -9.91 0.55
C PRO B 65 -24.85 -10.04 -0.86
N VAL B 66 -24.60 -9.03 -1.68
CA VAL B 66 -24.97 -9.03 -3.10
C VAL B 66 -23.80 -8.63 -3.98
N THR B 67 -23.82 -9.15 -5.20
CA THR B 67 -22.79 -8.88 -6.20
C THR B 67 -23.45 -8.15 -7.36
N LEU B 68 -22.96 -6.95 -7.65
CA LEU B 68 -23.56 -6.12 -8.68
C LEU B 68 -22.56 -5.89 -9.82
N GLY B 69 -22.70 -6.68 -10.88
CA GLY B 69 -21.92 -6.49 -12.09
C GLY B 69 -22.54 -5.43 -12.97
N MET B 70 -21.75 -4.44 -13.35
CA MET B 70 -22.25 -3.29 -14.10
C MET B 70 -21.31 -2.89 -15.21
N ASP B 71 -21.87 -2.58 -16.38
CA ASP B 71 -21.07 -1.96 -17.46
C ASP B 71 -20.77 -0.49 -17.16
N LEU B 72 -19.49 -0.16 -17.24
CA LEU B 72 -18.97 1.13 -16.83
C LEU B 72 -19.36 2.25 -17.82
N THR B 73 -19.54 1.88 -19.09
CA THR B 73 -20.10 2.81 -20.09
C THR B 73 -21.55 3.17 -19.74
N SER B 74 -22.40 2.14 -19.61
CA SER B 74 -23.81 2.33 -19.23
C SER B 74 -23.90 3.15 -17.94
N LEU B 75 -23.13 2.72 -16.94
CA LEU B 75 -23.14 3.34 -15.64
C LEU B 75 -22.79 4.83 -15.71
N SER B 76 -21.83 5.17 -16.58
CA SER B 76 -21.46 6.57 -16.81
C SER B 76 -22.59 7.37 -17.43
N LYS B 77 -23.35 6.72 -18.30
CA LYS B 77 -24.48 7.33 -19.01
C LYS B 77 -25.51 7.87 -18.03
N ILE B 78 -25.87 7.04 -17.06
CA ILE B 78 -26.79 7.42 -15.99
C ILE B 78 -26.21 8.51 -15.11
N LEU B 79 -24.91 8.40 -14.83
CA LEU B 79 -24.26 9.33 -13.92
C LEU B 79 -24.29 10.76 -14.40
N ARG B 80 -24.25 10.96 -15.72
CA ARG B 80 -24.37 12.30 -16.30
C ARG B 80 -25.66 13.03 -15.90
N CYS B 81 -26.78 12.33 -15.93
CA CYS B 81 -28.09 12.92 -15.63
C CYS B 81 -28.19 13.62 -14.27
N GLY B 82 -27.73 12.98 -13.21
CA GLY B 82 -27.81 13.58 -11.88
C GLY B 82 -26.78 14.68 -11.67
N ASN B 83 -27.08 15.60 -10.75
CA ASN B 83 -26.15 16.68 -10.36
C ASN B 83 -25.10 16.24 -9.34
N ASN B 84 -23.92 16.84 -9.43
CA ASN B 84 -22.84 16.55 -8.50
C ASN B 84 -23.16 16.78 -7.02
N THR B 85 -23.97 17.78 -6.72
CA THR B 85 -24.39 17.99 -5.33
C THR B 85 -25.65 17.19 -4.98
N ASP B 86 -26.07 16.33 -5.90
CA ASP B 86 -27.14 15.36 -5.61
C ASP B 86 -26.66 14.22 -4.72
N THR B 87 -27.59 13.76 -3.90
CA THR B 87 -27.41 12.59 -3.09
C THR B 87 -27.67 11.38 -3.97
N LEU B 88 -26.67 10.48 -4.08
CA LEU B 88 -26.85 9.24 -4.84
C LEU B 88 -26.99 8.06 -3.89
N THR B 89 -28.02 7.25 -4.14
CA THR B 89 -28.30 6.03 -3.39
C THR B 89 -28.46 4.88 -4.35
N LEU B 90 -27.65 3.83 -4.15
CA LEU B 90 -27.82 2.60 -4.91
C LEU B 90 -28.79 1.70 -4.18
N ILE B 91 -29.86 1.31 -4.87
CA ILE B 91 -30.88 0.46 -4.29
C ILE B 91 -30.97 -0.85 -5.05
N ALA B 92 -30.79 -1.95 -4.32
CA ALA B 92 -30.99 -3.29 -4.86
C ALA B 92 -31.59 -4.16 -3.77
N ASP B 93 -32.40 -5.15 -4.16
CA ASP B 93 -32.93 -6.12 -3.20
C ASP B 93 -31.91 -7.23 -3.03
N ASN B 94 -32.27 -8.27 -2.27
CA ASN B 94 -31.50 -9.52 -2.25
C ASN B 94 -31.74 -10.26 -3.56
N THR B 95 -30.70 -10.94 -4.04
CA THR B 95 -30.70 -11.63 -5.34
C THR B 95 -30.98 -10.76 -6.59
N PRO B 96 -30.37 -9.56 -6.69
CA PRO B 96 -30.74 -8.59 -7.73
C PRO B 96 -30.36 -8.96 -9.17
N ASP B 97 -31.25 -8.66 -10.11
CA ASP B 97 -30.96 -8.75 -11.56
C ASP B 97 -30.92 -7.35 -12.18
N SER B 98 -31.50 -6.38 -11.47
CA SER B 98 -31.42 -4.98 -11.86
C SER B 98 -31.11 -4.13 -10.63
N ILE B 99 -30.65 -2.91 -10.86
CA ILE B 99 -30.28 -1.99 -9.78
C ILE B 99 -30.97 -0.63 -9.98
N ILE B 100 -31.27 0.08 -8.89
CA ILE B 100 -31.85 1.43 -8.97
C ILE B 100 -30.88 2.51 -8.46
N LEU B 101 -30.72 3.57 -9.25
CA LEU B 101 -29.91 4.72 -8.87
C LEU B 101 -30.81 5.92 -8.60
N LEU B 102 -30.84 6.35 -7.35
CA LEU B 102 -31.71 7.43 -6.92
C LEU B 102 -30.92 8.68 -6.66
N PHE B 103 -31.12 9.69 -7.50
CA PHE B 103 -30.55 11.01 -7.27
C PHE B 103 -31.60 11.83 -6.53
N GLU B 104 -31.17 12.51 -5.48
CA GLU B 104 -32.07 13.30 -4.66
C GLU B 104 -31.48 14.67 -4.39
N ASP B 105 -32.33 15.69 -4.53
CA ASP B 105 -31.96 17.09 -4.34
C ASP B 105 -32.61 17.60 -3.06
N THR B 106 -31.87 18.43 -2.32
CA THR B 106 -32.14 18.75 -0.91
C THR B 106 -33.42 19.55 -0.62
N LYS B 107 -33.79 19.62 0.67
CA LYS B 107 -34.99 20.31 1.21
C LYS B 107 -36.26 19.45 1.14
N LYS B 108 -36.17 18.35 0.37
CA LYS B 108 -37.28 17.47 -0.08
C LYS B 108 -37.86 17.91 -1.45
N ASP B 109 -36.97 18.35 -2.35
CA ASP B 109 -37.32 18.88 -3.67
C ASP B 109 -37.63 17.82 -4.72
N ARG B 110 -36.56 17.25 -5.27
CA ARG B 110 -36.60 16.53 -6.53
C ARG B 110 -35.89 15.18 -6.40
N ILE B 111 -36.51 14.15 -6.96
CA ILE B 111 -36.00 12.80 -6.92
C ILE B 111 -35.93 12.31 -8.36
N ALA B 112 -34.75 11.86 -8.80
CA ALA B 112 -34.60 11.29 -10.14
C ALA B 112 -34.12 9.85 -10.03
N GLU B 113 -34.89 8.93 -10.61
CA GLU B 113 -34.62 7.50 -10.48
C GLU B 113 -34.33 6.89 -11.83
N TYR B 114 -33.20 6.18 -11.95
CA TYR B 114 -32.86 5.49 -13.21
C TYR B 114 -32.49 4.03 -12.93
N SER B 115 -32.90 3.14 -13.82
CA SER B 115 -32.65 1.71 -13.66
C SER B 115 -31.45 1.28 -14.50
N LEU B 116 -30.70 0.31 -13.99
CA LEU B 116 -29.62 -0.30 -14.75
C LEU B 116 -29.66 -1.82 -14.60
N LYS B 117 -29.50 -2.51 -15.71
CA LYS B 117 -29.44 -3.97 -15.73
C LYS B 117 -28.04 -4.46 -15.38
N LEU B 118 -27.96 -5.34 -14.40
CA LEU B 118 -26.68 -5.92 -14.02
C LEU B 118 -26.25 -6.94 -15.06
N MET B 119 -24.94 -7.16 -15.17
CA MET B 119 -24.44 -8.31 -15.92
C MET B 119 -23.76 -9.31 -15.02
N ASP B 120 -23.77 -10.56 -15.44
CA ASP B 120 -23.12 -11.61 -14.67
C ASP B 120 -21.62 -11.65 -14.95
N ILE B 121 -20.84 -11.43 -13.91
CA ILE B 121 -19.38 -11.52 -13.97
C ILE B 121 -18.98 -12.82 -13.29
N ASP B 122 -18.79 -13.86 -14.10
CA ASP B 122 -18.63 -15.23 -13.61
C ASP B 122 -17.26 -15.51 -12.98
N ALA B 123 -16.20 -15.37 -13.79
CA ALA B 123 -14.81 -15.64 -13.39
C ALA B 123 -14.53 -15.18 -11.96
N ASP B 124 -13.90 -16.05 -11.18
CA ASP B 124 -13.60 -15.74 -9.79
C ASP B 124 -12.41 -14.78 -9.67
N PHE B 125 -12.54 -13.81 -8.78
CA PHE B 125 -11.53 -12.78 -8.62
C PHE B 125 -10.37 -13.32 -7.81
N LEU B 126 -9.15 -13.12 -8.31
CA LEU B 126 -7.96 -13.64 -7.64
C LEU B 126 -7.08 -12.59 -6.93
N GLY B 127 -7.73 -11.67 -6.22
CA GLY B 127 -7.07 -10.81 -5.25
C GLY B 127 -6.24 -11.66 -4.30
N ILE B 128 -4.94 -11.55 -4.44
CA ILE B 128 -4.02 -12.35 -3.65
C ILE B 128 -3.37 -11.48 -2.59
N GLU B 129 -3.84 -11.54 -1.36
CA GLU B 129 -3.07 -10.90 -0.32
C GLU B 129 -1.71 -11.61 -0.23
N GLU B 130 -1.62 -12.82 -0.79
CA GLU B 130 -0.42 -13.66 -0.78
C GLU B 130 0.25 -13.65 0.59
N LEU B 131 0.22 -14.79 1.26
CA LEU B 131 0.57 -14.85 2.68
C LEU B 131 1.99 -14.37 2.98
N GLN B 132 2.84 -14.44 1.95
CA GLN B 132 4.27 -14.12 2.04
C GLN B 132 4.80 -13.66 0.66
N TYR B 133 5.62 -12.60 0.66
CA TYR B 133 6.27 -12.06 -0.55
C TYR B 133 7.79 -12.05 -0.40
N ASP B 134 8.50 -11.89 -1.51
CA ASP B 134 9.97 -11.82 -1.48
C ASP B 134 10.47 -10.47 -0.97
N SER B 135 9.75 -9.41 -1.33
CA SER B 135 10.16 -8.08 -0.97
C SER B 135 8.94 -7.21 -0.81
N THR B 136 9.01 -6.28 0.16
CA THR B 136 7.99 -5.28 0.43
C THR B 136 8.63 -3.91 0.64
N LEU B 137 8.24 -2.93 -0.18
CA LEU B 137 8.74 -1.57 -0.03
C LEU B 137 7.62 -0.58 -0.11
N SER B 138 7.81 0.57 0.55
CA SER B 138 6.88 1.70 0.45
C SER B 138 7.62 3.02 0.25
N LEU B 139 7.01 3.90 -0.55
CA LEU B 139 7.63 5.16 -0.96
C LEU B 139 6.57 6.19 -1.37
N PRO B 140 6.94 7.48 -1.46
CA PRO B 140 5.98 8.49 -1.92
C PRO B 140 5.41 8.17 -3.31
N SER B 141 4.12 8.48 -3.48
CA SER B 141 3.40 8.19 -4.71
C SER B 141 3.93 9.02 -5.86
N SER B 142 4.23 10.28 -5.56
CA SER B 142 4.74 11.24 -6.54
C SER B 142 6.07 10.73 -7.08
N GLU B 143 6.96 10.34 -6.17
CA GLU B 143 8.25 9.79 -6.54
C GLU B 143 8.09 8.55 -7.44
N PHE B 144 7.23 7.61 -7.03
CA PHE B 144 6.98 6.41 -7.81
C PHE B 144 6.36 6.75 -9.17
N SER B 145 5.49 7.76 -9.21
CA SER B 145 4.93 8.28 -10.46
C SER B 145 6.02 8.79 -11.41
N LYS B 146 6.82 9.74 -10.91
CA LYS B 146 7.92 10.33 -11.66
C LYS B 146 8.81 9.29 -12.34
N ILE B 147 9.24 8.28 -11.56
CA ILE B 147 10.07 7.20 -12.07
C ILE B 147 9.38 6.46 -13.21
N VAL B 148 8.11 6.13 -13.02
CA VAL B 148 7.42 5.28 -13.99
C VAL B 148 7.19 6.05 -15.30
N ARG B 149 6.88 7.35 -15.17
CA ARG B 149 6.58 8.19 -16.31
C ARG B 149 7.81 8.49 -17.16
N ASP B 150 8.94 8.74 -16.50
CA ASP B 150 10.24 8.87 -17.17
C ASP B 150 10.64 7.61 -17.94
N LEU B 151 10.73 6.47 -17.26
CA LEU B 151 11.26 5.25 -17.87
C LEU B 151 10.38 4.65 -18.96
N SER B 152 9.08 4.93 -18.91
CA SER B 152 8.12 4.45 -19.90
C SER B 152 8.36 5.11 -21.25
N GLN B 153 8.98 6.29 -21.22
CA GLN B 153 9.39 7.01 -22.42
C GLN B 153 10.56 6.31 -23.13
N LEU B 154 11.27 5.48 -22.39
CA LEU B 154 12.44 4.75 -22.89
C LEU B 154 12.09 3.34 -23.35
N SER B 155 10.96 2.83 -22.87
CA SER B 155 10.55 1.46 -23.17
C SER B 155 9.13 1.14 -22.73
N ASP B 156 8.62 0.03 -23.26
CA ASP B 156 7.33 -0.52 -22.85
C ASP B 156 7.52 -1.46 -21.65
N SER B 157 8.78 -1.71 -21.29
CA SER B 157 9.10 -2.55 -20.14
C SER B 157 9.91 -1.84 -19.07
N ILE B 158 9.50 -2.01 -17.83
CA ILE B 158 10.28 -1.52 -16.72
C ILE B 158 10.57 -2.70 -15.84
N ASN B 159 11.86 -2.90 -15.56
CA ASN B 159 12.30 -3.93 -14.65
C ASN B 159 12.50 -3.33 -13.25
N ILE B 160 12.05 -4.04 -12.22
CA ILE B 160 12.25 -3.67 -10.83
C ILE B 160 13.16 -4.70 -10.17
N MET B 161 14.20 -4.20 -9.49
CA MET B 161 15.22 -5.07 -8.92
C MET B 161 15.48 -4.72 -7.48
N ILE B 162 15.24 -5.67 -6.58
CA ILE B 162 15.53 -5.41 -5.17
C ILE B 162 16.69 -6.27 -4.69
N THR B 163 17.63 -5.60 -4.02
CA THR B 163 18.74 -6.22 -3.32
C THR B 163 18.67 -5.66 -1.91
N LYS B 164 19.53 -6.18 -1.03
CA LYS B 164 19.72 -5.60 0.29
C LYS B 164 19.92 -4.09 0.14
N GLU B 165 19.09 -3.34 0.86
CA GLU B 165 19.15 -1.87 0.90
C GLU B 165 19.17 -1.12 -0.45
N THR B 166 18.74 -1.77 -1.53
CA THR B 166 18.67 -1.10 -2.83
C THR B 166 17.45 -1.50 -3.66
N ILE B 167 16.77 -0.48 -4.16
CA ILE B 167 15.67 -0.62 -5.10
C ILE B 167 16.12 0.04 -6.39
N LYS B 168 15.99 -0.67 -7.50
CA LYS B 168 16.43 -0.17 -8.78
C LYS B 168 15.40 -0.40 -9.87
N PHE B 169 14.93 0.68 -10.49
CA PHE B 169 14.04 0.57 -11.63
C PHE B 169 14.91 0.78 -12.86
N VAL B 170 14.74 -0.03 -13.88
CA VAL B 170 15.60 0.09 -15.06
C VAL B 170 14.78 -0.05 -16.33
N ALA B 171 15.13 0.72 -17.35
CA ALA B 171 14.48 0.63 -18.64
C ALA B 171 15.50 0.83 -19.73
N ASP B 172 15.79 -0.25 -20.43
CA ASP B 172 16.71 -0.21 -21.56
C ASP B 172 15.84 -0.12 -22.80
N GLY B 173 16.38 0.41 -23.89
CA GLY B 173 15.58 0.61 -25.10
C GLY B 173 16.34 0.63 -26.41
N ASP B 174 15.87 1.49 -27.32
CA ASP B 174 16.39 1.55 -28.69
C ASP B 174 16.86 2.97 -29.04
N ILE B 175 16.29 3.96 -28.36
CA ILE B 175 16.85 5.29 -28.40
C ILE B 175 17.95 5.43 -27.33
N GLY B 176 17.63 5.02 -26.10
CA GLY B 176 18.58 5.06 -24.99
C GLY B 176 18.29 4.04 -23.88
N SER B 177 18.80 4.30 -22.69
CA SER B 177 18.54 3.47 -21.51
C SER B 177 18.62 4.31 -20.25
N GLY B 178 17.88 3.90 -19.23
CA GLY B 178 17.81 4.70 -18.01
C GLY B 178 17.48 3.87 -16.79
N SER B 179 17.94 4.34 -15.64
CA SER B 179 17.67 3.67 -14.38
C SER B 179 17.76 4.57 -13.15
N VAL B 180 16.81 4.40 -12.24
CA VAL B 180 16.83 5.08 -10.97
C VAL B 180 17.20 4.06 -9.90
N ILE B 181 18.07 4.49 -8.99
CA ILE B 181 18.44 3.72 -7.82
C ILE B 181 17.99 4.58 -6.66
N ILE B 182 17.19 4.00 -5.78
CA ILE B 182 16.72 4.70 -4.59
C ILE B 182 17.06 3.84 -3.39
N LYS B 183 17.25 4.47 -2.22
CA LYS B 183 17.69 3.74 -1.03
C LYS B 183 16.77 4.00 0.16
N PRO B 184 16.67 3.04 1.10
CA PRO B 184 15.98 3.30 2.36
C PRO B 184 16.49 4.59 2.97
N PHE B 185 15.57 5.41 3.46
CA PHE B 185 15.84 6.81 3.77
C PHE B 185 14.71 7.30 4.66
N VAL B 186 15.04 7.71 5.89
CA VAL B 186 14.03 8.22 6.83
C VAL B 186 14.37 9.66 7.25
N ASP B 187 13.32 10.48 7.37
CA ASP B 187 13.47 11.87 7.79
C ASP B 187 12.33 12.23 8.75
N MET B 188 12.73 12.76 9.91
CA MET B 188 11.83 13.06 11.00
C MET B 188 11.04 14.36 10.78
N GLU B 189 11.70 15.38 10.23
CA GLU B 189 11.05 16.67 9.92
C GLU B 189 10.00 16.53 8.81
N HIS B 190 10.23 15.58 7.90
CA HIS B 190 9.29 15.29 6.82
C HIS B 190 9.11 13.79 6.66
N PRO B 191 8.24 13.18 7.49
CA PRO B 191 8.04 11.73 7.52
C PRO B 191 7.35 11.16 6.26
N GLU B 192 6.55 12.00 5.59
CA GLU B 192 5.80 11.55 4.42
C GLU B 192 6.67 11.36 3.18
N THR B 193 7.97 11.62 3.33
CA THR B 193 8.91 11.49 2.21
C THR B 193 9.92 10.33 2.39
N SER B 194 9.60 9.43 3.31
CA SER B 194 10.47 8.31 3.64
C SER B 194 10.42 7.21 2.60
N ILE B 195 11.48 6.41 2.56
CA ILE B 195 11.51 5.19 1.76
C ILE B 195 11.78 4.02 2.69
N LYS B 196 10.89 3.04 2.66
CA LYS B 196 11.03 1.84 3.47
C LYS B 196 11.24 0.64 2.58
N LEU B 197 12.12 -0.24 3.01
CA LEU B 197 12.40 -1.47 2.28
C LEU B 197 12.56 -2.60 3.26
N GLU B 198 12.00 -3.74 2.89
CA GLU B 198 12.18 -4.99 3.62
C GLU B 198 12.42 -6.05 2.59
N MET B 199 13.45 -6.86 2.82
CA MET B 199 13.86 -7.90 1.88
C MET B 199 14.08 -9.23 2.60
N ASP B 200 13.75 -10.31 1.91
CA ASP B 200 13.98 -11.68 2.40
C ASP B 200 14.52 -12.47 1.23
N GLN B 201 14.69 -11.79 0.12
CA GLN B 201 15.03 -12.43 -1.12
C GLN B 201 15.19 -11.33 -2.17
N PRO B 202 16.26 -11.43 -2.99
CA PRO B 202 16.34 -10.56 -4.15
C PRO B 202 15.25 -10.88 -5.17
N VAL B 203 14.76 -9.83 -5.84
CA VAL B 203 13.67 -9.89 -6.81
C VAL B 203 14.09 -9.17 -8.09
N ASP B 204 13.75 -9.73 -9.24
CA ASP B 204 14.10 -9.14 -10.54
C ASP B 204 12.92 -9.35 -11.49
N LEU B 205 12.00 -8.40 -11.53
CA LEU B 205 10.78 -8.58 -12.32
C LEU B 205 10.52 -7.48 -13.33
N THR B 206 10.19 -7.88 -14.54
CA THR B 206 9.89 -6.94 -15.63
C THR B 206 8.38 -6.72 -15.77
N PHE B 207 7.98 -5.47 -15.96
CA PHE B 207 6.58 -5.09 -16.03
C PHE B 207 6.28 -4.22 -17.23
N GLY B 208 5.07 -4.35 -17.78
CA GLY B 208 4.63 -3.51 -18.91
C GLY B 208 4.39 -2.08 -18.45
N ALA B 209 4.98 -1.12 -19.16
CA ALA B 209 4.91 0.27 -18.74
C ALA B 209 3.48 0.79 -18.77
N LYS B 210 2.72 0.40 -19.79
CA LYS B 210 1.32 0.80 -19.89
C LYS B 210 0.50 0.41 -18.66
N TYR B 211 0.76 -0.77 -18.11
CA TYR B 211 0.14 -1.17 -16.86
C TYR B 211 0.58 -0.32 -15.68
N LEU B 212 1.88 -0.18 -15.48
CA LEU B 212 2.41 0.68 -14.44
C LEU B 212 1.89 2.11 -14.58
N LEU B 213 1.64 2.52 -15.83
CA LEU B 213 1.08 3.83 -16.08
C LEU B 213 -0.34 3.96 -15.54
N ASP B 214 -1.13 2.89 -15.71
CA ASP B 214 -2.47 2.81 -15.09
C ASP B 214 -2.39 2.81 -13.57
N ILE B 215 -1.51 2.00 -13.00
CA ILE B 215 -1.37 1.93 -11.56
C ILE B 215 -1.08 3.28 -10.89
N ILE B 216 -0.13 4.03 -11.46
CA ILE B 216 0.36 5.27 -10.83
C ILE B 216 -0.70 6.34 -10.65
N LYS B 217 -1.80 6.24 -11.41
CA LYS B 217 -2.96 7.11 -11.27
C LYS B 217 -3.60 7.02 -9.88
N GLY B 218 -3.23 6.01 -9.11
CA GLY B 218 -3.70 5.85 -7.73
C GLY B 218 -3.11 6.90 -6.80
N SER B 219 -2.06 7.57 -7.26
CA SER B 219 -1.37 8.56 -6.44
C SER B 219 -2.21 9.84 -6.26
N SER B 220 -3.17 10.05 -7.15
CA SER B 220 -4.07 11.21 -7.06
C SER B 220 -5.05 11.06 -5.91
N LEU B 221 -5.04 9.88 -5.29
CA LEU B 221 -5.95 9.53 -4.19
C LEU B 221 -5.17 9.21 -2.89
N SER B 222 -3.84 9.14 -3.00
CA SER B 222 -2.98 8.76 -1.87
C SER B 222 -1.52 9.27 -2.01
N ASP B 223 -0.87 9.60 -0.90
CA ASP B 223 0.55 10.02 -1.00
C ASP B 223 1.66 8.99 -0.73
N ARG B 224 1.34 7.81 -0.19
CA ARG B 224 2.31 6.71 -0.20
C ARG B 224 1.84 5.53 -1.06
N VAL B 225 2.78 4.68 -1.47
CA VAL B 225 2.45 3.47 -2.25
C VAL B 225 3.17 2.26 -1.72
N GLY B 226 2.43 1.22 -1.33
CA GLY B 226 3.05 -0.05 -0.95
C GLY B 226 3.27 -0.92 -2.17
N ILE B 227 4.48 -1.44 -2.32
CA ILE B 227 4.78 -2.40 -3.41
C ILE B 227 5.33 -3.69 -2.81
N ARG B 228 4.62 -4.79 -3.05
CA ARG B 228 5.03 -6.09 -2.55
C ARG B 228 5.26 -7.00 -3.75
N LEU B 229 6.50 -7.48 -3.88
CA LEU B 229 6.87 -8.31 -5.03
C LEU B 229 7.29 -9.70 -4.59
N SER B 230 7.20 -10.67 -5.49
CA SER B 230 7.59 -12.07 -5.23
C SER B 230 7.62 -12.79 -6.56
N SER B 231 8.54 -13.75 -6.70
CA SER B 231 8.77 -14.40 -7.99
C SER B 231 7.69 -15.42 -8.40
N GLU B 232 6.76 -15.71 -7.49
CA GLU B 232 5.69 -16.69 -7.74
C GLU B 232 4.34 -16.04 -8.05
N ALA B 233 4.08 -14.90 -7.41
CA ALA B 233 2.78 -14.22 -7.51
C ALA B 233 2.85 -12.92 -8.31
N PRO B 234 1.68 -12.41 -8.74
CA PRO B 234 1.65 -11.07 -9.31
C PRO B 234 2.13 -10.04 -8.28
N ALA B 235 2.56 -8.89 -8.74
CA ALA B 235 3.01 -7.83 -7.84
C ALA B 235 1.80 -7.12 -7.28
N LEU B 236 1.88 -6.70 -6.02
CA LEU B 236 0.82 -5.95 -5.34
C LEU B 236 1.19 -4.47 -5.16
N PHE B 237 0.40 -3.58 -5.75
CA PHE B 237 0.55 -2.14 -5.54
C PHE B 237 -0.62 -1.66 -4.73
N GLN B 238 -0.35 -1.09 -3.56
CA GLN B 238 -1.40 -0.69 -2.63
C GLN B 238 -1.34 0.76 -2.30
N PHE B 239 -2.52 1.38 -2.19
CA PHE B 239 -2.66 2.76 -1.77
C PHE B 239 -3.68 2.86 -0.65
N ASP B 240 -3.37 3.64 0.37
CA ASP B 240 -4.30 3.87 1.47
C ASP B 240 -5.17 5.07 1.14
N LEU B 241 -6.48 4.90 1.33
CA LEU B 241 -7.45 5.91 0.94
C LEU B 241 -8.32 6.22 2.14
N LYS B 242 -8.94 7.40 2.15
CA LYS B 242 -9.98 7.70 3.14
C LYS B 242 -11.20 6.78 2.96
N SER B 243 -11.68 6.69 1.71
CA SER B 243 -12.71 5.70 1.33
C SER B 243 -12.43 4.34 2.02
N GLY B 244 -11.17 3.90 1.94
CA GLY B 244 -10.76 2.58 2.41
C GLY B 244 -9.39 2.24 1.84
N PHE B 245 -9.37 1.52 0.70
CA PHE B 245 -8.11 0.94 0.21
C PHE B 245 -8.08 0.61 -1.29
N LEU B 246 -6.92 0.82 -1.91
CA LEU B 246 -6.76 0.52 -3.35
C LEU B 246 -5.63 -0.47 -3.61
N GLN B 247 -5.95 -1.52 -4.39
CA GLN B 247 -4.99 -2.58 -4.67
C GLN B 247 -4.93 -2.96 -6.15
N PHE B 248 -3.74 -2.96 -6.70
CA PHE B 248 -3.53 -3.42 -8.07
C PHE B 248 -2.71 -4.69 -8.04
N PHE B 249 -3.05 -5.66 -8.88
CA PHE B 249 -2.32 -6.91 -8.98
C PHE B 249 -1.85 -7.07 -10.40
N LEU B 250 -0.53 -7.15 -10.57
CA LEU B 250 0.08 -7.12 -11.89
C LEU B 250 0.95 -8.35 -12.15
N ALA B 251 0.66 -9.01 -13.27
CA ALA B 251 1.42 -10.15 -13.75
C ALA B 251 2.71 -9.64 -14.38
N PRO B 252 3.86 -10.21 -13.98
CA PRO B 252 5.13 -9.83 -14.61
C PRO B 252 5.13 -10.22 -16.08
N LYS B 253 6.07 -9.66 -16.85
CA LYS B 253 6.26 -10.05 -18.24
C LYS B 253 7.04 -11.37 -18.32
N PHE B 254 6.80 -12.15 -19.38
CA PHE B 254 7.58 -13.35 -19.63
C PHE B 254 9.03 -12.93 -19.88
BA BA C . 12.77 -7.90 31.85
BA BA D . 16.18 -10.20 32.77
BA BA E . 8.89 -7.52 33.22
BA BA F . 26.13 -3.27 7.15
BA BA G . -5.65 3.14 -19.95
BA BA H . -7.37 5.09 5.67
BA BA I . -21.28 9.00 7.50
BA BA J . -18.69 10.40 6.18
BA BA K . -26.04 16.60 -0.88
BA BA L . -34.86 -10.50 -7.20
BA BA M . 24.05 0.44 8.04
BA BA N . 15.10 -3.93 -23.84
BA BA O . -24.73 16.89 -14.56
N1 NEQ P . -8.30 2.82 -10.74
O1 NEQ P . -7.23 4.77 -10.25
O2 NEQ P . -8.95 0.91 -11.79
C1 NEQ P . -7.43 3.80 -10.98
C2 NEQ P . -6.70 3.60 -12.29
C3 NEQ P . -7.26 2.28 -12.83
C4 NEQ P . -8.27 1.93 -11.73
C5 NEQ P . -9.17 2.68 -9.56
C6 NEQ P . -9.89 3.97 -9.20
N1 NEQ Q . -30.36 8.38 -19.94
O1 NEQ Q . -29.88 6.57 -18.64
O2 NEQ Q . -30.68 10.54 -20.62
C1 NEQ Q . -29.97 7.78 -18.82
C2 NEQ Q . -29.67 8.77 -17.73
C3 NEQ Q . -29.92 10.12 -18.40
C4 NEQ Q . -30.38 9.71 -19.78
C5 NEQ Q . -30.77 7.70 -21.18
C6 NEQ Q . -29.56 7.32 -22.02
#